data_8OUL
#
_entry.id   8OUL
#
_cell.length_a   75.693
_cell.length_b   75.693
_cell.length_c   189.306
_cell.angle_alpha   90.00
_cell.angle_beta   90.00
_cell.angle_gamma   90.00
#
_symmetry.space_group_name_H-M   'P 43 21 2'
#
loop_
_entity.id
_entity.type
_entity.pdbx_description
1 polymer 'Arf GTPase'
2 non-polymer "GUANOSINE-5'-DIPHOSPHATE"
3 non-polymer 'MAGNESIUM ION'
4 water water
#
_entity_poly.entity_id   1
_entity_poly.type   'polypeptide(L)'
_entity_poly.pdbx_seq_one_letter_code
;MSFFKRLKDAITKKKTTVKVAWVGLDYAGKSTIIKRITQGVFSDDTKRTLGLNVDEFTSDNIKFVCWDIGGQQVFRDSLW
DAYIAGSSGIIYVVDSAAPERFEEARTELWKWVIENSKVGDIPILILANKQDLPEARSAGEVARALDLHKVLKHSYAIVP
CSAASGFNLEDALEWLRQRITEMILEHHHHHH
;
_entity_poly.pdbx_strand_id   A,B,C
#
loop_
_chem_comp.id
_chem_comp.type
_chem_comp.name
_chem_comp.formula
GDP RNA linking GUANOSINE-5'-DIPHOSPHATE 'C10 H15 N5 O11 P2'
MG non-polymer 'MAGNESIUM ION' 'Mg 2'
#
# COMPACT_ATOMS: atom_id res chain seq x y z
N SER A 2 19.87 -7.79 -8.48
CA SER A 2 18.65 -7.35 -7.81
C SER A 2 18.10 -8.44 -6.87
N PHE A 3 17.26 -8.02 -5.89
CA PHE A 3 16.53 -8.91 -4.99
C PHE A 3 15.28 -9.40 -5.73
N PHE A 4 14.62 -8.51 -6.48
CA PHE A 4 13.45 -8.82 -7.26
C PHE A 4 13.74 -9.94 -8.27
N LYS A 5 14.89 -9.84 -8.95
CA LYS A 5 15.25 -10.84 -9.93
C LYS A 5 15.70 -12.12 -9.26
N ARG A 6 16.45 -12.02 -8.16
CA ARG A 6 16.94 -13.20 -7.46
C ARG A 6 15.80 -13.96 -6.76
N LEU A 7 14.76 -13.25 -6.30
CA LEU A 7 13.62 -13.86 -5.64
C LEU A 7 12.79 -14.59 -6.69
N LYS A 8 12.57 -13.95 -7.86
CA LYS A 8 11.82 -14.56 -8.95
C LYS A 8 12.46 -15.88 -9.39
N ASP A 9 13.78 -15.91 -9.56
CA ASP A 9 14.52 -17.13 -9.97
C ASP A 9 14.49 -18.22 -8.92
N ALA A 10 14.54 -17.85 -7.65
CA ALA A 10 14.55 -18.83 -6.58
C ALA A 10 13.19 -19.56 -6.45
N ILE A 11 12.10 -18.80 -6.50
CA ILE A 11 10.76 -19.36 -6.37
C ILE A 11 10.30 -20.04 -7.68
N THR A 12 10.88 -19.65 -8.84
CA THR A 12 10.63 -20.31 -10.13
C THR A 12 11.35 -21.67 -10.10
N LYS A 13 12.57 -21.73 -9.54
CA LYS A 13 13.30 -22.98 -9.42
C LYS A 13 12.54 -23.94 -8.48
N LYS A 14 11.96 -23.42 -7.38
CA LYS A 14 11.14 -24.19 -6.44
C LYS A 14 9.75 -24.58 -7.06
N LYS A 15 9.34 -23.89 -8.16
CA LYS A 15 8.10 -24.03 -8.91
C LYS A 15 6.89 -23.70 -8.04
N THR A 16 6.88 -22.52 -7.41
CA THR A 16 5.82 -22.11 -6.49
C THR A 16 5.56 -20.56 -6.60
N THR A 17 4.92 -19.93 -5.60
CA THR A 17 4.56 -18.51 -5.55
C THR A 17 4.93 -17.91 -4.20
N VAL A 18 5.42 -16.67 -4.18
CA VAL A 18 5.78 -15.98 -2.94
C VAL A 18 4.93 -14.71 -2.69
N LYS A 19 4.70 -14.38 -1.42
CA LYS A 19 4.01 -13.15 -1.03
C LYS A 19 4.87 -12.45 0.04
N VAL A 20 5.20 -11.17 -0.18
CA VAL A 20 6.02 -10.41 0.74
C VAL A 20 5.22 -9.24 1.20
N ALA A 21 5.04 -9.11 2.51
CA ALA A 21 4.29 -8.01 3.09
C ALA A 21 5.25 -6.86 3.39
N TRP A 22 4.80 -5.63 3.17
CA TRP A 22 5.58 -4.42 3.41
C TRP A 22 4.73 -3.55 4.32
N VAL A 23 4.89 -3.68 5.65
CA VAL A 23 4.10 -2.87 6.59
C VAL A 23 4.94 -1.78 7.28
N GLY A 24 4.28 -0.77 7.82
CA GLY A 24 4.96 0.33 8.48
C GLY A 24 4.15 1.61 8.38
N LEU A 25 4.42 2.59 9.25
CA LEU A 25 3.67 3.84 9.27
C LEU A 25 3.72 4.64 7.97
N ASP A 26 2.76 5.54 7.77
CA ASP A 26 2.73 6.40 6.60
C ASP A 26 4.01 7.30 6.55
N TYR A 27 4.52 7.59 5.33
CA TYR A 27 5.72 8.40 5.08
C TYR A 27 7.02 7.70 5.55
N ALA A 28 6.99 6.37 5.76
CA ALA A 28 8.21 5.66 6.17
C ALA A 28 9.16 5.41 5.01
N GLY A 29 8.62 5.22 3.82
CA GLY A 29 9.42 4.99 2.63
C GLY A 29 9.10 3.75 1.83
N LYS A 30 8.07 2.96 2.22
CA LYS A 30 7.67 1.67 1.60
C LYS A 30 7.42 1.71 0.09
N SER A 31 6.57 2.63 -0.41
CA SER A 31 6.29 2.71 -1.84
C SER A 31 7.55 3.09 -2.62
N THR A 32 8.37 3.98 -2.04
CA THR A 32 9.62 4.44 -2.63
C THR A 32 10.62 3.29 -2.78
N ILE A 33 10.75 2.47 -1.70
CA ILE A 33 11.64 1.30 -1.70
C ILE A 33 11.12 0.29 -2.71
N ILE A 34 9.81 -0.02 -2.71
CA ILE A 34 9.25 -0.98 -3.65
C ILE A 34 9.48 -0.53 -5.11
N LYS A 35 9.27 0.77 -5.42
CA LYS A 35 9.51 1.24 -6.78
C LYS A 35 10.98 1.06 -7.19
N ARG A 36 11.90 1.43 -6.30
CA ARG A 36 13.34 1.34 -6.54
C ARG A 36 13.85 -0.09 -6.65
N ILE A 37 13.61 -0.93 -5.63
CA ILE A 37 14.07 -2.31 -5.63
C ILE A 37 13.49 -3.13 -6.80
N THR A 38 12.26 -2.80 -7.26
CA THR A 38 11.67 -3.49 -8.40
C THR A 38 11.98 -2.81 -9.73
N GLN A 39 13.02 -1.93 -9.77
CA GLN A 39 13.49 -1.19 -10.94
C GLN A 39 12.33 -0.63 -11.77
N GLY A 40 11.31 -0.12 -11.09
CA GLY A 40 10.15 0.46 -11.74
C GLY A 40 8.91 -0.39 -11.79
N VAL A 41 9.06 -1.72 -12.06
CA VAL A 41 7.97 -2.72 -12.19
C VAL A 41 6.77 -2.47 -11.24
N PHE A 42 7.03 -2.18 -9.96
CA PHE A 42 5.97 -1.90 -9.01
C PHE A 42 5.86 -0.40 -8.68
N SER A 43 5.51 0.41 -9.69
CA SER A 43 5.32 1.87 -9.55
C SER A 43 3.89 2.16 -8.99
N ASP A 44 3.55 3.44 -8.76
CA ASP A 44 2.20 3.78 -8.33
C ASP A 44 1.17 3.48 -9.43
N ASP A 45 1.59 3.56 -10.70
CA ASP A 45 0.77 3.24 -11.86
C ASP A 45 0.97 1.77 -12.26
N THR A 46 0.85 0.87 -11.27
CA THR A 46 0.91 -0.60 -11.35
C THR A 46 0.34 -1.28 -10.07
N LYS A 47 -0.17 -0.49 -9.10
CA LYS A 47 -0.70 -0.95 -7.83
C LYS A 47 -2.19 -1.29 -7.85
N ARG A 48 -2.54 -2.57 -7.66
CA ARG A 48 -3.94 -2.95 -7.54
C ARG A 48 -4.35 -2.56 -6.09
N THR A 49 -5.11 -1.48 -5.92
CA THR A 49 -5.50 -1.00 -4.58
C THR A 49 -6.46 -1.98 -3.93
N LEU A 50 -6.13 -2.51 -2.74
CA LEU A 50 -7.02 -3.45 -2.05
C LEU A 50 -7.83 -2.79 -0.94
N GLY A 51 -7.30 -1.74 -0.34
CA GLY A 51 -7.98 -1.08 0.77
C GLY A 51 -7.65 0.40 0.88
N LEU A 52 -8.18 1.05 1.93
CA LEU A 52 -7.92 2.48 2.13
C LEU A 52 -6.42 2.78 2.26
N ASN A 53 -5.70 1.85 2.92
CA ASN A 53 -4.26 1.98 3.14
C ASN A 53 -3.42 0.81 2.56
N VAL A 54 -4.07 -0.20 1.93
CA VAL A 54 -3.40 -1.37 1.32
C VAL A 54 -3.31 -1.27 -0.21
N ASP A 55 -2.14 -1.59 -0.75
CA ASP A 55 -1.82 -1.65 -2.19
C ASP A 55 -1.25 -3.06 -2.48
N GLU A 56 -1.49 -3.60 -3.68
CA GLU A 56 -1.04 -4.96 -4.01
C GLU A 56 -0.37 -5.04 -5.35
N PHE A 57 0.74 -5.74 -5.40
CA PHE A 57 1.49 -5.91 -6.63
C PHE A 57 1.68 -7.39 -6.99
N THR A 58 1.79 -7.68 -8.28
CA THR A 58 1.98 -9.05 -8.74
C THR A 58 2.77 -9.07 -10.02
N SER A 59 3.66 -10.04 -10.15
CA SER A 59 4.45 -10.20 -11.35
C SER A 59 4.86 -11.64 -11.45
N ASP A 60 4.02 -12.44 -12.11
CA ASP A 60 4.17 -13.88 -12.30
C ASP A 60 3.99 -14.59 -10.92
N ASN A 61 5.07 -15.12 -10.32
CA ASN A 61 4.99 -15.82 -9.06
C ASN A 61 5.29 -14.94 -7.83
N ILE A 62 5.50 -13.61 -7.99
CA ILE A 62 5.76 -12.76 -6.83
C ILE A 62 4.63 -11.81 -6.58
N LYS A 63 4.28 -11.64 -5.30
CA LYS A 63 3.23 -10.73 -4.86
C LYS A 63 3.77 -9.88 -3.69
N PHE A 64 3.48 -8.59 -3.69
CA PHE A 64 3.91 -7.70 -2.63
C PHE A 64 2.68 -7.02 -2.06
N VAL A 65 2.59 -6.87 -0.72
CA VAL A 65 1.43 -6.22 -0.10
C VAL A 65 1.88 -5.02 0.73
N CYS A 66 1.75 -3.79 0.19
CA CYS A 66 2.18 -2.63 0.96
C CYS A 66 1.03 -2.06 1.79
N TRP A 67 1.18 -2.05 3.12
CA TRP A 67 0.14 -1.53 4.01
C TRP A 67 0.61 -0.40 4.88
N ASP A 68 0.03 0.80 4.75
CA ASP A 68 0.35 1.90 5.66
C ASP A 68 -0.44 1.63 6.97
N ILE A 69 0.30 1.42 8.08
CA ILE A 69 -0.19 1.08 9.41
C ILE A 69 -0.23 2.31 10.35
N GLY A 70 -0.88 2.16 11.50
CA GLY A 70 -1.00 3.24 12.47
C GLY A 70 -1.97 4.31 12.01
N GLY A 71 -1.84 5.49 12.61
CA GLY A 71 -2.67 6.66 12.32
C GLY A 71 -4.11 6.48 12.72
N GLN A 72 -5.06 6.66 11.77
CA GLN A 72 -6.48 6.49 12.04
C GLN A 72 -6.89 5.00 11.90
N GLN A 73 -6.21 4.27 10.96
CA GLN A 73 -6.35 2.84 10.62
C GLN A 73 -6.28 1.95 11.88
N VAL A 74 -7.30 1.10 12.06
CA VAL A 74 -7.33 0.21 13.22
C VAL A 74 -7.07 -1.26 12.87
N PHE A 75 -6.06 -1.91 13.51
CA PHE A 75 -5.75 -3.34 13.25
C PHE A 75 -6.94 -4.24 13.61
N ARG A 76 -7.55 -4.86 12.58
CA ARG A 76 -8.63 -5.83 12.75
C ARG A 76 -8.11 -7.19 12.23
N ASP A 77 -8.28 -8.28 13.01
CA ASP A 77 -7.81 -9.63 12.61
C ASP A 77 -8.41 -10.11 11.27
N SER A 78 -9.56 -9.54 10.90
CA SER A 78 -10.32 -9.77 9.67
C SER A 78 -9.52 -9.26 8.47
N LEU A 79 -8.99 -8.02 8.59
CA LEU A 79 -8.18 -7.32 7.59
C LEU A 79 -6.81 -7.98 7.38
N TRP A 80 -6.28 -8.65 8.41
CA TRP A 80 -5.00 -9.34 8.28
C TRP A 80 -5.17 -10.61 7.50
N ASP A 81 -6.27 -11.35 7.75
CA ASP A 81 -6.55 -12.57 6.98
C ASP A 81 -6.78 -12.22 5.51
N ALA A 82 -7.52 -11.12 5.29
CA ALA A 82 -7.87 -10.58 4.00
C ALA A 82 -6.69 -10.10 3.20
N TYR A 83 -5.72 -9.45 3.84
CA TYR A 83 -4.62 -8.84 3.10
C TYR A 83 -3.23 -9.50 3.27
N ILE A 84 -2.74 -9.66 4.51
CA ILE A 84 -1.38 -10.16 4.73
C ILE A 84 -1.26 -11.69 4.91
N ALA A 85 -2.32 -12.40 5.36
CA ALA A 85 -2.21 -13.86 5.56
C ALA A 85 -1.74 -14.63 4.32
N GLY A 86 -0.75 -15.50 4.48
CA GLY A 86 -0.14 -16.22 3.37
C GLY A 86 1.24 -15.71 2.99
N SER A 87 1.68 -14.62 3.65
CA SER A 87 3.00 -14.01 3.44
C SER A 87 4.12 -14.95 3.91
N SER A 88 5.26 -14.91 3.22
CA SER A 88 6.42 -15.73 3.55
C SER A 88 7.56 -14.94 4.27
N GLY A 89 7.46 -13.61 4.28
CA GLY A 89 8.37 -12.67 4.92
C GLY A 89 7.65 -11.34 5.16
N ILE A 90 8.00 -10.62 6.24
CA ILE A 90 7.38 -9.32 6.53
C ILE A 90 8.43 -8.23 6.61
N ILE A 91 8.25 -7.12 5.87
CA ILE A 91 9.21 -6.02 5.91
C ILE A 91 8.65 -4.80 6.67
N TYR A 92 9.16 -4.55 7.88
CA TYR A 92 8.71 -3.41 8.68
C TYR A 92 9.59 -2.23 8.37
N VAL A 93 9.02 -1.12 7.85
CA VAL A 93 9.83 0.03 7.51
C VAL A 93 9.64 1.20 8.50
N VAL A 94 10.77 1.73 9.00
CA VAL A 94 10.80 2.82 9.97
C VAL A 94 11.55 4.05 9.39
N ASP A 95 11.01 5.26 9.59
CA ASP A 95 11.67 6.48 9.16
C ASP A 95 12.56 6.86 10.33
N SER A 96 13.90 6.62 10.23
CA SER A 96 14.87 6.94 11.31
C SER A 96 14.99 8.43 11.60
N ALA A 97 14.63 9.31 10.64
CA ALA A 97 14.66 10.74 10.88
C ALA A 97 13.35 11.28 11.51
N ALA A 98 12.42 10.38 11.87
CA ALA A 98 11.17 10.78 12.51
C ALA A 98 11.08 10.11 13.89
N PRO A 99 11.88 10.59 14.86
CA PRO A 99 11.85 9.96 16.19
C PRO A 99 10.59 10.27 16.99
N GLU A 100 9.84 11.31 16.61
CA GLU A 100 8.59 11.63 17.30
C GLU A 100 7.60 10.48 17.21
N ARG A 101 7.57 9.78 16.05
CA ARG A 101 6.67 8.66 15.79
C ARG A 101 7.25 7.29 16.14
N PHE A 102 8.36 7.21 16.86
CA PHE A 102 8.94 5.91 17.26
C PHE A 102 8.05 5.16 18.24
N GLU A 103 7.35 5.92 19.10
CA GLU A 103 6.39 5.45 20.10
C GLU A 103 5.29 4.69 19.38
N GLU A 104 4.77 5.27 18.29
CA GLU A 104 3.74 4.72 17.42
C GLU A 104 4.24 3.49 16.61
N ALA A 105 5.44 3.54 16.01
CA ALA A 105 5.98 2.43 15.25
C ALA A 105 6.19 1.22 16.14
N ARG A 106 6.61 1.43 17.40
CA ARG A 106 6.82 0.32 18.32
C ARG A 106 5.48 -0.30 18.64
N THR A 107 4.48 0.52 19.02
CA THR A 107 3.15 0.00 19.33
C THR A 107 2.56 -0.81 18.14
N GLU A 108 2.63 -0.30 16.87
CA GLU A 108 2.12 -1.00 15.68
C GLU A 108 2.92 -2.26 15.29
N LEU A 109 4.25 -2.27 15.49
CA LEU A 109 5.06 -3.45 15.20
C LEU A 109 4.65 -4.62 16.08
N TRP A 110 4.46 -4.35 17.39
CA TRP A 110 4.09 -5.39 18.36
C TRP A 110 2.62 -5.75 18.26
N LYS A 111 1.76 -4.80 17.88
CA LYS A 111 0.33 -5.04 17.68
C LYS A 111 0.08 -5.99 16.48
N TRP A 112 0.65 -5.64 15.31
CA TRP A 112 0.53 -6.34 14.03
C TRP A 112 1.45 -7.54 13.80
N VAL A 113 2.66 -7.53 14.36
CA VAL A 113 3.64 -8.55 14.04
C VAL A 113 4.11 -9.38 15.23
N ILE A 114 4.66 -8.75 16.29
CA ILE A 114 5.22 -9.48 17.44
C ILE A 114 4.17 -10.24 18.25
N GLU A 115 3.12 -9.55 18.69
CA GLU A 115 2.03 -10.20 19.41
C GLU A 115 0.93 -10.59 18.45
N ASN A 116 1.32 -11.22 17.36
CA ASN A 116 0.39 -11.71 16.36
C ASN A 116 0.62 -13.19 16.27
N SER A 117 -0.38 -13.97 16.69
CA SER A 117 -0.33 -15.42 16.67
C SER A 117 -0.10 -15.94 15.26
N LYS A 118 -0.71 -15.27 14.26
CA LYS A 118 -0.60 -15.61 12.86
C LYS A 118 0.84 -15.57 12.32
N VAL A 119 1.60 -14.47 12.59
CA VAL A 119 3.01 -14.38 12.18
C VAL A 119 3.78 -15.39 13.01
N GLY A 120 4.39 -16.39 12.37
CA GLY A 120 5.12 -17.43 13.09
C GLY A 120 6.61 -17.38 12.92
N ASP A 121 7.15 -18.33 12.18
CA ASP A 121 8.59 -18.35 11.89
C ASP A 121 9.00 -17.45 10.69
N ILE A 122 8.04 -16.68 10.16
CA ILE A 122 8.18 -15.75 9.06
C ILE A 122 9.33 -14.77 9.35
N PRO A 123 10.36 -14.75 8.49
CA PRO A 123 11.45 -13.78 8.69
C PRO A 123 10.93 -12.33 8.61
N ILE A 124 11.19 -11.55 9.66
CA ILE A 124 10.78 -10.16 9.71
C ILE A 124 12.01 -9.29 9.54
N LEU A 125 12.08 -8.55 8.43
CA LEU A 125 13.21 -7.65 8.18
C LEU A 125 12.78 -6.21 8.50
N ILE A 126 13.54 -5.53 9.36
CA ILE A 126 13.23 -4.14 9.74
C ILE A 126 14.19 -3.25 8.93
N LEU A 127 13.65 -2.24 8.27
CA LEU A 127 14.49 -1.32 7.52
C LEU A 127 14.49 0.02 8.19
N ALA A 128 15.65 0.38 8.78
CA ALA A 128 15.84 1.67 9.44
C ALA A 128 16.15 2.62 8.29
N ASN A 129 15.09 3.05 7.59
CA ASN A 129 15.13 3.85 6.37
C ASN A 129 15.45 5.34 6.60
N LYS A 130 15.80 6.05 5.50
CA LYS A 130 16.11 7.47 5.46
C LYS A 130 17.37 7.77 6.25
N GLN A 131 18.39 6.92 6.13
CA GLN A 131 19.64 7.15 6.84
C GLN A 131 20.42 8.36 6.30
N ASP A 132 20.16 8.79 5.06
CA ASP A 132 20.80 9.92 4.39
C ASP A 132 20.45 11.28 5.05
N LEU A 133 19.30 11.35 5.72
CA LEU A 133 18.87 12.56 6.40
C LEU A 133 19.74 12.77 7.63
N PRO A 134 20.15 14.03 7.87
CA PRO A 134 21.04 14.29 9.02
C PRO A 134 20.41 14.02 10.39
N GLU A 135 19.08 14.11 10.47
CA GLU A 135 18.38 13.83 11.73
C GLU A 135 18.18 12.33 11.96
N ALA A 136 18.52 11.48 10.99
CA ALA A 136 18.35 10.05 11.10
C ALA A 136 19.08 9.47 12.28
N ARG A 137 18.34 8.77 13.13
CA ARG A 137 18.89 8.01 14.24
C ARG A 137 19.51 6.72 13.73
N SER A 138 20.51 6.21 14.46
CA SER A 138 21.21 4.99 14.08
C SER A 138 20.29 3.78 14.04
N ALA A 139 20.71 2.71 13.37
CA ALA A 139 19.94 1.48 13.34
C ALA A 139 19.74 0.89 14.75
N GLY A 140 20.76 1.07 15.60
CA GLY A 140 20.73 0.62 16.98
C GLY A 140 19.82 1.47 17.84
N GLU A 141 19.71 2.78 17.53
CA GLU A 141 18.83 3.69 18.26
C GLU A 141 17.40 3.26 18.04
N VAL A 142 17.05 2.98 16.75
CA VAL A 142 15.74 2.51 16.29
C VAL A 142 15.44 1.12 16.91
N ALA A 143 16.45 0.23 16.99
CA ALA A 143 16.29 -1.11 17.58
C ALA A 143 15.91 -1.07 19.07
N ARG A 144 16.45 -0.09 19.78
CA ARG A 144 16.17 0.16 21.18
C ARG A 144 14.79 0.80 21.29
N ALA A 145 14.44 1.73 20.39
CA ALA A 145 13.15 2.41 20.37
C ALA A 145 12.02 1.42 20.11
N LEU A 146 12.27 0.39 19.27
CA LEU A 146 11.27 -0.62 18.94
C LEU A 146 11.20 -1.76 19.93
N ASP A 147 11.97 -1.70 21.03
CA ASP A 147 12.09 -2.74 22.05
C ASP A 147 12.48 -4.05 21.42
N LEU A 148 13.29 -4.02 20.34
CA LEU A 148 13.74 -5.22 19.67
C LEU A 148 14.49 -6.15 20.62
N HIS A 149 15.26 -5.57 21.56
CA HIS A 149 15.96 -6.31 22.61
C HIS A 149 15.01 -7.24 23.44
N LYS A 150 13.68 -6.98 23.36
CA LYS A 150 12.67 -7.76 24.06
C LYS A 150 12.14 -8.90 23.17
N VAL A 151 12.24 -8.77 21.84
CA VAL A 151 11.79 -9.79 20.86
C VAL A 151 12.63 -11.07 20.98
N LEU A 152 12.10 -12.01 21.76
CA LEU A 152 12.79 -13.25 22.03
C LEU A 152 12.31 -14.41 21.17
N LYS A 153 11.03 -14.41 20.76
CA LYS A 153 10.47 -15.56 20.05
C LYS A 153 10.40 -15.45 18.49
N HIS A 154 10.79 -14.31 17.86
CA HIS A 154 10.74 -14.20 16.39
C HIS A 154 12.13 -14.16 15.71
N SER A 155 12.19 -14.46 14.38
CA SER A 155 13.43 -14.38 13.59
C SER A 155 13.50 -13.03 12.86
N TYR A 156 14.17 -12.03 13.44
CA TYR A 156 14.24 -10.71 12.86
C TYR A 156 15.67 -10.27 12.54
N ALA A 157 15.80 -9.11 11.88
CA ALA A 157 17.06 -8.46 11.51
C ALA A 157 16.75 -6.99 11.25
N ILE A 158 17.54 -6.08 11.82
CA ILE A 158 17.35 -4.65 11.58
C ILE A 158 18.55 -4.11 10.83
N VAL A 159 18.33 -3.52 9.65
CA VAL A 159 19.43 -3.03 8.83
C VAL A 159 19.18 -1.58 8.45
N PRO A 160 20.15 -0.66 8.68
CA PRO A 160 19.92 0.74 8.26
C PRO A 160 20.02 0.87 6.75
N CYS A 161 19.19 1.72 6.17
CA CYS A 161 19.18 1.90 4.72
C CYS A 161 18.71 3.29 4.30
N SER A 162 18.91 3.63 3.03
CA SER A 162 18.40 4.87 2.48
C SER A 162 17.73 4.53 1.17
N ALA A 163 16.44 4.91 0.98
CA ALA A 163 15.73 4.64 -0.27
C ALA A 163 16.11 5.65 -1.38
N ALA A 164 16.71 6.80 -1.01
CA ALA A 164 17.17 7.83 -1.93
C ALA A 164 18.55 7.47 -2.46
N SER A 165 19.49 7.07 -1.58
CA SER A 165 20.83 6.73 -2.03
C SER A 165 21.02 5.27 -2.42
N GLY A 166 20.12 4.40 -1.96
CA GLY A 166 20.23 2.97 -2.25
C GLY A 166 20.98 2.22 -1.17
N PHE A 167 21.80 2.93 -0.34
CA PHE A 167 22.63 2.42 0.76
C PHE A 167 22.01 1.26 1.53
N ASN A 168 22.69 0.09 1.52
CA ASN A 168 22.31 -1.14 2.23
C ASN A 168 20.99 -1.80 1.84
N LEU A 169 20.24 -1.23 0.87
CA LEU A 169 18.96 -1.81 0.46
C LEU A 169 19.05 -3.25 -0.02
N GLU A 170 19.70 -3.52 -1.16
CA GLU A 170 19.74 -4.89 -1.68
C GLU A 170 20.37 -5.87 -0.71
N ASP A 171 21.28 -5.37 0.16
CA ASP A 171 21.99 -6.18 1.15
C ASP A 171 21.03 -6.67 2.25
N ALA A 172 20.16 -5.79 2.71
CA ALA A 172 19.19 -6.16 3.73
C ALA A 172 18.21 -7.20 3.15
N LEU A 173 17.78 -6.96 1.91
CA LEU A 173 16.83 -7.79 1.18
C LEU A 173 17.37 -9.18 0.83
N GLU A 174 18.69 -9.30 0.69
CA GLU A 174 19.30 -10.61 0.45
C GLU A 174 19.18 -11.50 1.70
N TRP A 175 19.20 -10.90 2.91
CA TRP A 175 19.01 -11.68 4.13
C TRP A 175 17.61 -12.30 4.12
N LEU A 176 16.61 -11.49 3.72
CA LEU A 176 15.24 -11.96 3.68
C LEU A 176 15.06 -12.97 2.57
N ARG A 177 15.63 -12.70 1.38
CA ARG A 177 15.55 -13.59 0.23
C ARG A 177 16.07 -14.96 0.55
N GLN A 178 17.12 -15.04 1.35
CA GLN A 178 17.70 -16.32 1.74
C GLN A 178 16.85 -17.03 2.77
N ARG A 179 16.25 -16.28 3.70
CA ARG A 179 15.38 -16.79 4.75
C ARG A 179 14.05 -17.31 4.20
N ILE A 180 13.56 -16.71 3.12
CA ILE A 180 12.31 -17.10 2.45
C ILE A 180 12.59 -18.33 1.62
N THR A 181 13.69 -18.32 0.84
CA THR A 181 14.10 -19.42 0.00
C THR A 181 14.21 -20.75 0.74
N GLU A 182 14.79 -20.76 1.94
CA GLU A 182 14.94 -22.00 2.71
C GLU A 182 13.63 -22.54 3.30
N MET A 183 12.78 -21.65 3.82
CA MET A 183 11.52 -22.03 4.45
C MET A 183 10.38 -22.28 3.46
N ILE A 184 10.50 -21.81 2.21
CA ILE A 184 9.42 -21.98 1.23
C ILE A 184 9.20 -23.47 0.94
N LEU A 185 7.92 -23.86 0.84
CA LEU A 185 7.50 -25.25 0.65
C LEU A 185 7.67 -26.08 1.95
N GLU A 186 7.82 -25.44 3.13
CA GLU A 186 8.02 -26.18 4.37
C GLU A 186 7.14 -25.68 5.51
N SER B 2 9.23 42.92 -5.44
CA SER B 2 8.51 42.54 -4.22
C SER B 2 7.07 42.10 -4.53
N PHE B 3 6.48 41.35 -3.60
CA PHE B 3 5.08 40.93 -3.63
C PHE B 3 4.23 42.09 -3.13
N PHE B 4 4.70 42.79 -2.09
CA PHE B 4 4.03 43.93 -1.50
C PHE B 4 3.82 45.02 -2.55
N LYS B 5 4.85 45.29 -3.38
CA LYS B 5 4.76 46.31 -4.41
C LYS B 5 3.92 45.84 -5.57
N ARG B 6 4.06 44.57 -5.96
CA ARG B 6 3.29 44.03 -7.08
C ARG B 6 1.80 43.88 -6.76
N LEU B 7 1.48 43.60 -5.49
CA LEU B 7 0.11 43.47 -5.05
C LEU B 7 -0.53 44.85 -5.03
N LYS B 8 0.18 45.87 -4.49
CA LYS B 8 -0.30 47.24 -4.44
C LYS B 8 -0.65 47.76 -5.84
N ASP B 9 0.20 47.52 -6.85
CA ASP B 9 -0.05 47.96 -8.23
C ASP B 9 -1.22 47.25 -8.89
N ALA B 10 -1.39 45.97 -8.57
CA ALA B 10 -2.45 45.17 -9.16
C ALA B 10 -3.83 45.63 -8.68
N ILE B 11 -3.97 45.82 -7.36
CA ILE B 11 -5.24 46.24 -6.74
C ILE B 11 -5.51 47.76 -6.96
N THR B 12 -4.46 48.56 -7.21
CA THR B 12 -4.62 49.98 -7.58
C THR B 12 -5.17 50.03 -8.99
N LYS B 13 -4.66 49.17 -9.90
CA LYS B 13 -5.13 49.11 -11.27
C LYS B 13 -6.61 48.65 -11.31
N LYS B 14 -6.99 47.69 -10.44
CA LYS B 14 -8.36 47.21 -10.28
C LYS B 14 -9.28 48.25 -9.57
N LYS B 15 -8.66 49.26 -8.90
CA LYS B 15 -9.26 50.36 -8.15
C LYS B 15 -10.08 49.83 -7.00
N THR B 16 -9.45 49.06 -6.11
CA THR B 16 -10.16 48.44 -4.99
C THR B 16 -9.18 48.29 -3.77
N THR B 17 -9.48 47.42 -2.77
CA THR B 17 -8.72 47.18 -1.56
C THR B 17 -8.57 45.68 -1.31
N VAL B 18 -7.38 45.24 -0.88
CA VAL B 18 -7.11 43.84 -0.58
C VAL B 18 -6.80 43.59 0.91
N LYS B 19 -7.18 42.41 1.39
CA LYS B 19 -6.89 41.99 2.75
C LYS B 19 -6.29 40.57 2.65
N VAL B 20 -5.12 40.37 3.25
CA VAL B 20 -4.46 39.07 3.24
C VAL B 20 -4.38 38.60 4.68
N ALA B 21 -4.93 37.43 4.98
CA ALA B 21 -4.88 36.87 6.31
C ALA B 21 -3.62 36.02 6.45
N TRP B 22 -2.98 36.06 7.62
CA TRP B 22 -1.78 35.32 7.92
C TRP B 22 -2.08 34.53 9.19
N VAL B 23 -2.57 33.29 9.06
CA VAL B 23 -2.89 32.47 10.23
C VAL B 23 -1.89 31.32 10.44
N GLY B 24 -1.83 30.79 11.65
CA GLY B 24 -0.91 29.70 11.99
C GLY B 24 -0.54 29.71 13.45
N LEU B 25 0.00 28.58 13.96
CA LEU B 25 0.39 28.47 15.37
C LEU B 25 1.47 29.48 15.84
N ASP B 26 1.56 29.68 17.16
CA ASP B 26 2.56 30.57 17.75
C ASP B 26 3.98 30.05 17.41
N TYR B 27 4.94 30.99 17.22
CA TYR B 27 6.34 30.73 16.88
C TYR B 27 6.53 30.11 15.49
N ALA B 28 5.52 30.21 14.60
CA ALA B 28 5.65 29.65 13.26
C ALA B 28 6.52 30.54 12.35
N GLY B 29 6.47 31.85 12.54
CA GLY B 29 7.28 32.77 11.75
C GLY B 29 6.52 33.86 11.01
N LYS B 30 5.20 33.96 11.24
CA LYS B 30 4.32 34.94 10.59
C LYS B 30 4.77 36.39 10.73
N SER B 31 5.08 36.86 11.95
CA SER B 31 5.51 38.24 12.16
C SER B 31 6.83 38.52 11.45
N THR B 32 7.74 37.55 11.49
CA THR B 32 9.05 37.61 10.86
C THR B 32 8.90 37.72 9.35
N ILE B 33 8.04 36.88 8.74
CA ILE B 33 7.79 36.89 7.30
C ILE B 33 7.16 38.23 6.92
N ILE B 34 6.13 38.68 7.65
CA ILE B 34 5.49 39.95 7.32
C ILE B 34 6.49 41.13 7.38
N LYS B 35 7.40 41.15 8.38
CA LYS B 35 8.43 42.19 8.47
C LYS B 35 9.38 42.10 7.27
N ARG B 36 9.81 40.89 6.90
CA ARG B 36 10.70 40.69 5.74
C ARG B 36 10.07 41.12 4.43
N ILE B 37 8.83 40.68 4.18
CA ILE B 37 8.07 40.91 2.96
C ILE B 37 7.82 42.37 2.72
N THR B 38 7.30 43.07 3.73
CA THR B 38 7.02 44.49 3.60
C THR B 38 8.27 45.34 3.78
N GLN B 39 9.48 44.75 3.65
CA GLN B 39 10.77 45.40 3.80
C GLN B 39 10.77 46.48 4.91
N GLY B 40 10.25 46.09 6.06
CA GLY B 40 10.18 46.97 7.21
C GLY B 40 8.81 47.54 7.49
N VAL B 41 8.11 48.07 6.43
CA VAL B 41 6.78 48.73 6.49
C VAL B 41 5.84 48.14 7.58
N PHE B 42 5.75 46.81 7.67
CA PHE B 42 4.90 46.16 8.67
C PHE B 42 5.75 45.51 9.81
N SER B 43 6.43 46.36 10.60
CA SER B 43 7.24 45.92 11.74
C SER B 43 6.34 45.72 13.00
N ASP B 44 6.92 45.30 14.15
CA ASP B 44 6.14 45.20 15.40
C ASP B 44 5.72 46.61 15.88
N ASP B 45 6.54 47.64 15.57
CA ASP B 45 6.24 49.03 15.90
C ASP B 45 5.50 49.69 14.70
N THR B 46 4.41 49.02 14.24
CA THR B 46 3.48 49.43 13.17
C THR B 46 2.18 48.57 13.19
N LYS B 47 2.03 47.65 14.15
CA LYS B 47 0.91 46.72 14.27
C LYS B 47 -0.25 47.23 15.13
N ARG B 48 -1.41 47.50 14.52
CA ARG B 48 -2.59 47.89 15.30
C ARG B 48 -3.15 46.59 15.90
N THR B 49 -2.98 46.37 17.21
CA THR B 49 -3.44 45.13 17.85
C THR B 49 -4.96 45.05 17.89
N LEU B 50 -5.57 44.00 17.34
CA LEU B 50 -7.03 43.89 17.36
C LEU B 50 -7.57 43.02 18.50
N GLY B 51 -6.70 42.29 19.21
CA GLY B 51 -7.15 41.42 20.29
C GLY B 51 -6.10 40.52 20.91
N LEU B 52 -6.58 39.39 21.48
CA LEU B 52 -5.83 38.39 22.24
C LEU B 52 -4.67 37.77 21.48
N ASN B 53 -4.91 37.45 20.20
CA ASN B 53 -3.88 36.82 19.36
C ASN B 53 -3.67 37.54 18.02
N VAL B 54 -4.54 38.49 17.64
CA VAL B 54 -4.53 39.16 16.34
C VAL B 54 -3.87 40.56 16.31
N ASP B 55 -3.13 40.80 15.21
CA ASP B 55 -2.44 42.04 14.88
C ASP B 55 -2.92 42.48 13.47
N GLU B 56 -2.97 43.79 13.20
CA GLU B 56 -3.46 44.29 11.92
C GLU B 56 -2.58 45.37 11.34
N PHE B 57 -2.25 45.27 10.06
CA PHE B 57 -1.40 46.25 9.40
C PHE B 57 -2.10 46.79 8.13
N THR B 58 -1.87 48.07 7.78
CA THR B 58 -2.53 48.71 6.61
C THR B 58 -1.63 49.69 5.93
N SER B 59 -1.71 49.77 4.59
CA SER B 59 -0.92 50.72 3.84
C SER B 59 -1.60 51.02 2.53
N ASP B 60 -2.45 52.05 2.55
CA ASP B 60 -3.26 52.49 1.42
C ASP B 60 -4.34 51.42 1.14
N ASN B 61 -4.25 50.67 0.04
CA ASN B 61 -5.25 49.67 -0.31
C ASN B 61 -4.90 48.27 0.14
N ILE B 62 -3.82 48.07 0.90
CA ILE B 62 -3.50 46.73 1.39
C ILE B 62 -3.73 46.63 2.88
N LYS B 63 -4.06 45.43 3.33
CA LYS B 63 -4.25 45.14 4.73
C LYS B 63 -3.77 43.71 4.98
N PHE B 64 -3.00 43.54 6.05
CA PHE B 64 -2.52 42.25 6.49
C PHE B 64 -3.12 42.03 7.89
N VAL B 65 -3.50 40.80 8.19
CA VAL B 65 -4.07 40.45 9.48
C VAL B 65 -3.29 39.23 9.94
N CYS B 66 -2.51 39.33 10.99
CA CYS B 66 -1.77 38.18 11.50
C CYS B 66 -2.46 37.64 12.74
N TRP B 67 -2.84 36.37 12.69
CA TRP B 67 -3.54 35.74 13.79
C TRP B 67 -2.92 34.44 14.21
N ASP B 68 -2.62 34.31 15.49
CA ASP B 68 -2.08 33.08 16.04
C ASP B 68 -3.28 32.25 16.50
N ILE B 69 -3.37 30.98 16.09
CA ILE B 69 -4.50 30.12 16.47
C ILE B 69 -4.09 29.04 17.48
N GLY B 70 -5.07 28.49 18.19
CA GLY B 70 -4.81 27.47 19.21
C GLY B 70 -5.81 27.37 20.35
N GLY B 71 -6.02 28.49 21.04
CA GLY B 71 -6.94 28.55 22.17
C GLY B 71 -8.41 28.36 21.83
N GLN B 72 -8.78 28.60 20.55
CA GLN B 72 -10.16 28.50 20.04
C GLN B 72 -11.12 29.57 20.65
N ARG B 76 -15.80 31.65 18.49
CA ARG B 76 -15.32 30.93 17.31
C ARG B 76 -15.65 31.72 16.00
N ASP B 77 -16.85 31.49 15.38
CA ASP B 77 -17.34 32.15 14.16
C ASP B 77 -17.48 33.69 14.31
N SER B 78 -17.59 34.16 15.56
CA SER B 78 -17.70 35.56 15.95
C SER B 78 -16.36 36.27 15.68
N LEU B 79 -15.27 35.62 16.12
CA LEU B 79 -13.87 36.04 16.00
C LEU B 79 -13.41 36.02 14.54
N TRP B 80 -13.93 35.07 13.76
CA TRP B 80 -13.63 34.94 12.36
C TRP B 80 -14.16 36.15 11.62
N ASP B 81 -15.45 36.48 11.82
CA ASP B 81 -16.08 37.61 11.16
C ASP B 81 -15.36 38.91 11.53
N ALA B 82 -14.98 39.02 12.81
CA ALA B 82 -14.32 40.15 13.40
C ALA B 82 -12.92 40.38 12.87
N TYR B 83 -12.16 39.29 12.65
CA TYR B 83 -10.76 39.44 12.26
C TYR B 83 -10.41 39.01 10.81
N ILE B 84 -10.75 37.79 10.40
CA ILE B 84 -10.33 37.30 9.09
C ILE B 84 -11.33 37.55 7.93
N ALA B 85 -12.64 37.62 8.21
CA ALA B 85 -13.63 37.79 7.13
C ALA B 85 -13.35 39.01 6.24
N GLY B 86 -13.43 38.81 4.93
CA GLY B 86 -13.12 39.87 3.99
C GLY B 86 -11.78 39.70 3.29
N SER B 87 -10.93 38.76 3.78
CA SER B 87 -9.64 38.42 3.19
C SER B 87 -9.85 37.78 1.81
N SER B 88 -8.93 38.07 0.89
CA SER B 88 -8.95 37.60 -0.50
C SER B 88 -7.99 36.39 -0.77
N GLY B 89 -7.13 36.11 0.21
CA GLY B 89 -6.18 35.00 0.26
C GLY B 89 -5.81 34.69 1.70
N ILE B 90 -5.55 33.42 2.02
CA ILE B 90 -5.18 33.04 3.40
C ILE B 90 -3.79 32.39 3.42
N ILE B 91 -2.87 32.86 4.27
CA ILE B 91 -1.52 32.29 4.36
C ILE B 91 -1.34 31.48 5.66
N TYR B 92 -1.30 30.15 5.53
CA TYR B 92 -1.12 29.29 6.69
C TYR B 92 0.36 29.02 6.88
N VAL B 93 0.93 29.42 8.02
CA VAL B 93 2.36 29.23 8.24
C VAL B 93 2.64 28.12 9.25
N VAL B 94 3.53 27.20 8.86
CA VAL B 94 3.92 26.04 9.65
C VAL B 94 5.45 26.09 9.94
N ASP B 95 5.85 25.78 11.20
CA ASP B 95 7.26 25.72 11.56
C ASP B 95 7.66 24.31 11.26
N SER B 96 8.40 24.15 10.18
CA SER B 96 8.80 22.84 9.73
C SER B 96 9.71 22.14 10.73
N ALA B 97 10.54 22.90 11.46
CA ALA B 97 11.42 22.31 12.46
C ALA B 97 10.70 21.94 13.78
N ALA B 98 9.36 22.08 13.84
CA ALA B 98 8.60 21.75 15.05
C ALA B 98 7.56 20.66 14.72
N PRO B 99 8.04 19.40 14.48
CA PRO B 99 7.11 18.32 14.16
C PRO B 99 6.25 17.84 15.31
N GLU B 100 6.61 18.18 16.55
CA GLU B 100 5.82 17.79 17.71
C GLU B 100 4.44 18.41 17.64
N ARG B 101 4.36 19.66 17.15
CA ARG B 101 3.09 20.38 17.04
C ARG B 101 2.37 20.20 15.70
N PHE B 102 2.76 19.21 14.85
CA PHE B 102 2.12 19.04 13.55
C PHE B 102 0.65 18.62 13.62
N GLU B 103 0.29 17.77 14.60
CA GLU B 103 -1.12 17.37 14.77
C GLU B 103 -1.94 18.61 15.14
N GLU B 104 -1.39 19.51 16.02
CA GLU B 104 -2.04 20.79 16.38
C GLU B 104 -2.25 21.68 15.13
N ALA B 105 -1.19 21.89 14.34
CA ALA B 105 -1.21 22.64 13.09
C ALA B 105 -2.23 22.07 12.08
N ARG B 106 -2.36 20.74 12.02
CA ARG B 106 -3.30 20.07 11.11
C ARG B 106 -4.74 20.28 11.60
N THR B 107 -4.95 20.25 12.95
CA THR B 107 -6.26 20.44 13.55
C THR B 107 -6.78 21.82 13.30
N GLU B 108 -5.98 22.85 13.63
CA GLU B 108 -6.35 24.24 13.46
C GLU B 108 -6.55 24.66 12.00
N LEU B 109 -5.81 24.10 11.04
CA LEU B 109 -5.99 24.40 9.63
C LEU B 109 -7.39 23.98 9.17
N TRP B 110 -7.82 22.75 9.57
CA TRP B 110 -9.13 22.22 9.17
C TRP B 110 -10.27 22.84 9.95
N LYS B 111 -10.02 23.20 11.20
CA LYS B 111 -11.02 23.84 12.04
C LYS B 111 -11.38 25.24 11.51
N TRP B 112 -10.37 26.10 11.30
CA TRP B 112 -10.56 27.49 10.85
C TRP B 112 -10.58 27.74 9.32
N VAL B 113 -10.00 26.84 8.49
CA VAL B 113 -9.91 27.08 7.05
C VAL B 113 -10.65 26.05 6.19
N ILE B 114 -10.28 24.75 6.30
CA ILE B 114 -10.84 23.70 5.44
C ILE B 114 -12.32 23.45 5.71
N GLU B 115 -12.67 23.20 6.97
CA GLU B 115 -14.07 23.00 7.33
C GLU B 115 -14.70 24.32 7.79
N ASN B 116 -14.45 25.38 7.00
CA ASN B 116 -15.00 26.69 7.26
C ASN B 116 -15.82 27.04 6.05
N SER B 117 -17.14 27.14 6.23
CA SER B 117 -18.07 27.47 5.16
C SER B 117 -17.74 28.82 4.55
N LYS B 118 -17.30 29.78 5.39
CA LYS B 118 -16.92 31.13 5.00
C LYS B 118 -15.75 31.16 4.00
N VAL B 119 -14.64 30.43 4.25
CA VAL B 119 -13.53 30.36 3.29
C VAL B 119 -14.04 29.59 2.06
N GLY B 120 -14.08 30.23 0.90
CA GLY B 120 -14.59 29.61 -0.31
C GLY B 120 -13.56 29.25 -1.34
N ASP B 121 -13.54 29.98 -2.45
CA ASP B 121 -12.53 29.74 -3.49
C ASP B 121 -11.19 30.48 -3.18
N ILE B 122 -11.09 31.14 -1.99
CA ILE B 122 -9.96 31.90 -1.50
C ILE B 122 -8.69 31.09 -1.60
N PRO B 123 -7.71 31.56 -2.37
CA PRO B 123 -6.43 30.84 -2.46
C PRO B 123 -5.75 30.73 -1.10
N ILE B 124 -5.45 29.50 -0.68
CA ILE B 124 -4.78 29.27 0.58
C ILE B 124 -3.35 28.86 0.30
N LEU B 125 -2.38 29.70 0.68
CA LEU B 125 -0.98 29.37 0.49
C LEU B 125 -0.39 28.85 1.83
N ILE B 126 0.22 27.68 1.83
CA ILE B 126 0.84 27.10 3.02
C ILE B 126 2.33 27.35 2.92
N LEU B 127 2.94 27.90 3.97
CA LEU B 127 4.37 28.14 3.97
C LEU B 127 5.04 27.21 4.95
N ALA B 128 5.78 26.25 4.42
CA ALA B 128 6.54 25.29 5.23
C ALA B 128 7.80 26.06 5.62
N ASN B 129 7.69 26.94 6.62
CA ASN B 129 8.72 27.85 7.08
C ASN B 129 9.86 27.22 7.90
N LYS B 130 10.97 27.98 8.09
CA LYS B 130 12.18 27.62 8.83
C LYS B 130 12.87 26.42 8.20
N GLN B 131 12.98 26.41 6.86
CA GLN B 131 13.63 25.31 6.16
C GLN B 131 15.14 25.29 6.37
N ASP B 132 15.74 26.44 6.76
CA ASP B 132 17.17 26.63 7.03
C ASP B 132 17.65 25.82 8.24
N LEU B 133 16.77 25.53 9.19
CA LEU B 133 17.11 24.75 10.37
C LEU B 133 17.34 23.30 9.97
N PRO B 134 18.42 22.69 10.46
CA PRO B 134 18.71 21.29 10.07
C PRO B 134 17.67 20.28 10.56
N GLU B 135 16.94 20.66 11.63
CA GLU B 135 15.92 19.87 12.29
C GLU B 135 14.52 19.99 11.65
N ALA B 136 14.40 20.79 10.54
CA ALA B 136 13.16 20.99 9.79
C ALA B 136 12.81 19.85 8.82
N ARG B 137 11.51 19.55 8.67
CA ARG B 137 10.97 18.52 7.77
C ARG B 137 10.69 19.06 6.38
N SER B 138 10.70 18.18 5.39
CA SER B 138 10.45 18.59 4.00
C SER B 138 9.05 19.19 3.83
N ALA B 139 8.85 19.94 2.75
CA ALA B 139 7.53 20.47 2.42
C ALA B 139 6.51 19.35 2.21
N GLY B 140 6.96 18.22 1.68
CA GLY B 140 6.12 17.05 1.45
C GLY B 140 5.77 16.33 2.74
N GLU B 141 6.70 16.34 3.71
CA GLU B 141 6.46 15.75 5.02
C GLU B 141 5.33 16.50 5.70
N VAL B 142 5.44 17.84 5.71
CA VAL B 142 4.47 18.78 6.28
C VAL B 142 3.13 18.66 5.57
N ALA B 143 3.11 18.57 4.23
CA ALA B 143 1.88 18.42 3.48
C ALA B 143 1.11 17.19 3.90
N ARG B 144 1.79 16.05 4.11
CA ARG B 144 1.12 14.82 4.58
C ARG B 144 0.68 14.97 6.04
N ALA B 145 1.52 15.61 6.87
CA ALA B 145 1.18 15.85 8.28
C ALA B 145 -0.09 16.66 8.41
N LEU B 146 -0.31 17.61 7.47
CA LEU B 146 -1.48 18.48 7.43
C LEU B 146 -2.60 17.92 6.57
N ASP B 147 -2.60 16.62 6.28
CA ASP B 147 -3.60 15.92 5.48
C ASP B 147 -4.07 16.70 4.23
N LEU B 148 -3.16 17.45 3.56
CA LEU B 148 -3.48 18.19 2.33
C LEU B 148 -3.98 17.24 1.25
N HIS B 149 -3.43 16.01 1.19
CA HIS B 149 -3.87 14.97 0.26
C HIS B 149 -5.38 14.66 0.36
N LYS B 150 -6.02 15.09 1.47
CA LYS B 150 -7.45 14.92 1.70
C LYS B 150 -8.25 16.14 1.19
N VAL B 151 -7.62 17.34 1.16
CA VAL B 151 -8.21 18.59 0.71
C VAL B 151 -8.58 18.51 -0.77
N LEU B 152 -9.83 18.16 -1.05
CA LEU B 152 -10.31 18.01 -2.40
C LEU B 152 -11.12 19.19 -2.91
N LYS B 153 -11.74 19.97 -2.00
CA LYS B 153 -12.61 21.08 -2.44
C LYS B 153 -11.97 22.52 -2.40
N HIS B 154 -10.72 22.71 -1.92
CA HIS B 154 -10.11 24.06 -1.89
C HIS B 154 -8.94 24.23 -2.86
N SER B 155 -8.56 25.49 -3.16
CA SER B 155 -7.41 25.82 -4.04
C SER B 155 -6.19 26.19 -3.18
N TYR B 156 -5.31 25.22 -2.94
CA TYR B 156 -4.15 25.43 -2.10
C TYR B 156 -2.83 25.19 -2.84
N ALA B 157 -1.72 25.50 -2.15
CA ALA B 157 -0.36 25.30 -2.61
C ALA B 157 0.55 25.30 -1.39
N ILE B 158 1.45 24.32 -1.27
CA ILE B 158 2.39 24.28 -0.15
C ILE B 158 3.79 24.48 -0.68
N VAL B 159 4.50 25.49 -0.19
CA VAL B 159 5.83 25.80 -0.68
C VAL B 159 6.80 25.90 0.51
N PRO B 160 7.95 25.19 0.48
CA PRO B 160 8.91 25.33 1.58
C PRO B 160 9.61 26.69 1.52
N CYS B 161 9.89 27.29 2.66
CA CYS B 161 10.54 28.59 2.70
C CYS B 161 11.35 28.81 3.99
N SER B 162 12.15 29.87 4.00
CA SER B 162 12.87 30.26 5.20
C SER B 162 12.69 31.76 5.33
N ALA B 163 12.21 32.27 6.49
CA ALA B 163 12.12 33.74 6.63
C ALA B 163 13.53 34.32 6.91
N ALA B 164 14.42 33.55 7.56
CA ALA B 164 15.76 34.01 7.87
C ALA B 164 16.57 34.19 6.58
N SER B 165 16.58 33.19 5.70
CA SER B 165 17.34 33.29 4.46
C SER B 165 16.58 33.94 3.31
N GLY B 166 15.26 33.95 3.37
CA GLY B 166 14.45 34.51 2.28
C GLY B 166 14.03 33.47 1.27
N PHE B 167 14.71 32.30 1.25
CA PHE B 167 14.49 31.14 0.36
C PHE B 167 13.03 30.86 0.03
N ASN B 168 12.69 30.91 -1.28
CA ASN B 168 11.36 30.63 -1.85
C ASN B 168 10.23 31.55 -1.41
N LEU B 169 10.48 32.54 -0.54
CA LEU B 169 9.42 33.45 -0.09
C LEU B 169 8.72 34.19 -1.22
N GLU B 170 9.39 35.11 -1.95
CA GLU B 170 8.72 35.87 -2.99
C GLU B 170 8.13 35.01 -4.09
N ASP B 171 8.68 33.81 -4.30
CA ASP B 171 8.20 32.88 -5.31
C ASP B 171 6.87 32.27 -4.91
N ALA B 172 6.72 31.90 -3.63
CA ALA B 172 5.47 31.33 -3.10
C ALA B 172 4.37 32.40 -3.13
N LEU B 173 4.72 33.63 -2.71
CA LEU B 173 3.81 34.75 -2.65
C LEU B 173 3.31 35.12 -4.01
N GLU B 174 4.15 35.05 -5.06
CA GLU B 174 3.72 35.38 -6.42
C GLU B 174 2.59 34.46 -6.90
N TRP B 175 2.57 33.20 -6.43
CA TRP B 175 1.46 32.28 -6.75
C TRP B 175 0.17 32.85 -6.17
N LEU B 176 0.24 33.34 -4.92
CA LEU B 176 -0.91 33.91 -4.26
C LEU B 176 -1.31 35.21 -4.91
N ARG B 177 -0.34 36.07 -5.20
CA ARG B 177 -0.57 37.37 -5.83
C ARG B 177 -1.31 37.23 -7.13
N GLN B 178 -1.00 36.19 -7.91
CA GLN B 178 -1.66 35.93 -9.18
C GLN B 178 -3.05 35.39 -8.97
N ARG B 179 -3.24 34.54 -7.96
CA ARG B 179 -4.52 33.94 -7.62
C ARG B 179 -5.50 34.96 -7.05
N ILE B 180 -5.00 35.98 -6.35
CA ILE B 180 -5.80 37.06 -5.76
C ILE B 180 -6.19 38.01 -6.86
N THR B 181 -5.24 38.41 -7.71
CA THR B 181 -5.43 39.31 -8.83
C THR B 181 -6.56 38.88 -9.77
N GLU B 182 -6.63 37.59 -10.11
CA GLU B 182 -7.66 37.10 -11.02
C GLU B 182 -9.07 37.05 -10.39
N MET B 183 -9.16 36.61 -9.14
CA MET B 183 -10.44 36.47 -8.43
C MET B 183 -10.96 37.76 -7.79
N ILE B 184 -10.11 38.80 -7.64
CA ILE B 184 -10.54 40.05 -7.01
C ILE B 184 -11.62 40.73 -7.85
N LEU B 185 -12.66 41.23 -7.16
CA LEU B 185 -13.83 41.86 -7.77
C LEU B 185 -14.76 40.79 -8.41
N GLU B 186 -14.63 39.51 -8.05
CA GLU B 186 -15.47 38.45 -8.67
C GLU B 186 -16.10 37.52 -7.62
N HIS B 187 -17.40 37.21 -7.79
CA HIS B 187 -18.21 36.40 -6.87
C HIS B 187 -19.71 36.56 -7.22
N SER C 2 -11.89 -11.72 -5.09
CA SER C 2 -12.05 -13.12 -5.45
C SER C 2 -11.33 -13.45 -6.77
N PHE C 3 -11.05 -14.76 -6.99
CA PHE C 3 -10.47 -15.30 -8.23
C PHE C 3 -11.64 -15.49 -9.21
N PHE C 4 -12.79 -15.98 -8.73
CA PHE C 4 -13.98 -16.18 -9.52
C PHE C 4 -14.42 -14.87 -10.16
N LYS C 5 -14.39 -13.77 -9.40
CA LYS C 5 -14.81 -12.47 -9.92
C LYS C 5 -13.77 -11.90 -10.84
N ARG C 6 -12.49 -12.03 -10.48
CA ARG C 6 -11.39 -11.50 -11.30
C ARG C 6 -11.23 -12.26 -12.61
N LEU C 7 -11.54 -13.57 -12.62
CA LEU C 7 -11.47 -14.39 -13.83
C LEU C 7 -12.61 -14.00 -14.74
N LYS C 8 -13.83 -13.86 -14.19
CA LYS C 8 -15.01 -13.44 -14.95
C LYS C 8 -14.76 -12.12 -15.68
N ASP C 9 -14.21 -11.11 -14.98
CA ASP C 9 -13.94 -9.80 -15.58
C ASP C 9 -12.83 -9.81 -16.63
N ALA C 10 -11.82 -10.67 -16.43
CA ALA C 10 -10.71 -10.77 -17.37
C ALA C 10 -11.17 -11.37 -18.71
N ILE C 11 -11.94 -12.48 -18.66
CA ILE C 11 -12.45 -13.17 -19.84
C ILE C 11 -13.60 -12.41 -20.50
N THR C 12 -14.35 -11.57 -19.73
CA THR C 12 -15.39 -10.69 -20.28
C THR C 12 -14.70 -9.57 -21.05
N LYS C 13 -13.58 -9.03 -20.52
CA LYS C 13 -12.81 -7.99 -21.19
C LYS C 13 -12.23 -8.53 -22.51
N LYS C 14 -11.77 -9.80 -22.51
CA LYS C 14 -11.26 -10.52 -23.69
C LYS C 14 -12.39 -10.90 -24.66
N LYS C 15 -13.66 -10.90 -24.18
CA LYS C 15 -14.90 -11.23 -24.87
C LYS C 15 -14.88 -12.68 -25.34
N THR C 16 -14.67 -13.63 -24.41
CA THR C 16 -14.57 -15.06 -24.74
C THR C 16 -15.12 -15.92 -23.54
N THR C 17 -14.80 -17.24 -23.50
CA THR C 17 -15.27 -18.20 -22.50
C THR C 17 -14.08 -18.97 -21.94
N VAL C 18 -14.06 -19.23 -20.61
CA VAL C 18 -12.98 -19.99 -20.02
C VAL C 18 -13.48 -21.29 -19.41
N LYS C 19 -12.64 -22.33 -19.48
CA LYS C 19 -12.95 -23.62 -18.87
C LYS C 19 -11.77 -23.99 -17.98
N VAL C 20 -12.06 -24.30 -16.71
CA VAL C 20 -11.01 -24.67 -15.78
C VAL C 20 -11.30 -26.08 -15.33
N ALA C 21 -10.32 -26.98 -15.51
CA ALA C 21 -10.48 -28.36 -15.06
C ALA C 21 -9.96 -28.48 -13.63
N TRP C 22 -10.64 -29.27 -12.80
CA TRP C 22 -10.29 -29.49 -11.41
C TRP C 22 -10.18 -30.98 -11.23
N VAL C 23 -8.98 -31.55 -11.44
CA VAL C 23 -8.80 -33.00 -11.32
C VAL C 23 -8.03 -33.37 -10.04
N GLY C 24 -8.16 -34.62 -9.62
CA GLY C 24 -7.50 -35.11 -8.41
C GLY C 24 -8.30 -36.22 -7.77
N LEU C 25 -7.64 -37.02 -6.93
CA LEU C 25 -8.27 -38.16 -6.26
C LEU C 25 -9.49 -37.81 -5.39
N ASP C 26 -10.32 -38.81 -5.11
CA ASP C 26 -11.48 -38.67 -4.26
C ASP C 26 -11.04 -38.19 -2.84
N TYR C 27 -11.88 -37.36 -2.18
CA TYR C 27 -11.65 -36.82 -0.83
C TYR C 27 -10.46 -35.85 -0.78
N ALA C 28 -9.98 -35.33 -1.93
CA ALA C 28 -8.87 -34.38 -1.94
C ALA C 28 -9.31 -32.97 -1.52
N GLY C 29 -10.54 -32.58 -1.87
CA GLY C 29 -11.05 -31.27 -1.47
C GLY C 29 -11.59 -30.38 -2.57
N LYS C 30 -11.57 -30.88 -3.82
CA LYS C 30 -12.02 -30.17 -5.01
C LYS C 30 -13.38 -29.52 -4.89
N SER C 31 -14.41 -30.26 -4.46
CA SER C 31 -15.78 -29.72 -4.34
C SER C 31 -15.85 -28.61 -3.31
N THR C 32 -15.11 -28.81 -2.20
CA THR C 32 -15.04 -27.86 -1.09
C THR C 32 -14.37 -26.55 -1.53
N ILE C 33 -13.25 -26.67 -2.26
CA ILE C 33 -12.53 -25.51 -2.78
C ILE C 33 -13.42 -24.76 -3.78
N ILE C 34 -14.04 -25.49 -4.74
CA ILE C 34 -14.91 -24.86 -5.71
C ILE C 34 -16.08 -24.12 -5.05
N LYS C 35 -16.70 -24.72 -4.02
CA LYS C 35 -17.81 -24.07 -3.33
C LYS C 35 -17.35 -22.78 -2.65
N ARG C 36 -16.21 -22.83 -1.98
CA ARG C 36 -15.66 -21.66 -1.29
C ARG C 36 -15.19 -20.54 -2.26
N ILE C 37 -14.28 -20.86 -3.22
CA ILE C 37 -13.67 -19.96 -4.21
C ILE C 37 -14.71 -19.21 -5.06
N THR C 38 -15.92 -19.78 -5.21
CA THR C 38 -17.02 -19.18 -5.96
C THR C 38 -17.99 -18.39 -5.09
N GLN C 39 -17.90 -18.54 -3.75
CA GLN C 39 -18.79 -17.92 -2.77
C GLN C 39 -20.18 -18.56 -2.79
N GLY C 40 -20.21 -19.88 -2.96
CA GLY C 40 -21.45 -20.63 -3.00
C GLY C 40 -21.96 -21.00 -4.38
N VAL C 41 -21.87 -20.06 -5.38
CA VAL C 41 -22.30 -20.20 -6.78
C VAL C 41 -22.18 -21.64 -7.33
N PHE C 42 -21.03 -22.30 -7.10
CA PHE C 42 -20.86 -23.68 -7.57
C PHE C 42 -20.94 -24.70 -6.41
N SER C 43 -22.12 -24.83 -5.80
CA SER C 43 -22.39 -25.78 -4.71
C SER C 43 -22.74 -27.17 -5.30
N ASP C 44 -23.02 -28.19 -4.44
CA ASP C 44 -23.48 -29.50 -4.90
C ASP C 44 -24.89 -29.39 -5.52
N ASP C 45 -25.70 -28.42 -5.05
CA ASP C 45 -27.02 -28.17 -5.59
C ASP C 45 -26.92 -27.09 -6.69
N THR C 46 -25.99 -27.29 -7.65
CA THR C 46 -25.70 -26.48 -8.85
C THR C 46 -24.82 -27.26 -9.87
N LYS C 47 -24.54 -28.55 -9.61
CA LYS C 47 -23.68 -29.37 -10.45
C LYS C 47 -24.38 -30.18 -11.54
N ARG C 48 -24.11 -29.84 -12.82
CA ARG C 48 -24.65 -30.61 -13.95
C ARG C 48 -23.74 -31.83 -14.07
N THR C 49 -24.21 -33.00 -13.64
CA THR C 49 -23.38 -34.21 -13.68
C THR C 49 -23.11 -34.66 -15.11
N LEU C 50 -21.83 -34.80 -15.51
CA LEU C 50 -21.50 -35.25 -16.87
C LEU C 50 -21.13 -36.71 -16.94
N GLY C 51 -20.56 -37.24 -15.87
CA GLY C 51 -20.09 -38.62 -15.87
C GLY C 51 -20.17 -39.29 -14.52
N LEU C 52 -19.70 -40.54 -14.48
CA LEU C 52 -19.67 -41.33 -13.26
C LEU C 52 -18.86 -40.63 -12.15
N ASN C 53 -17.74 -39.99 -12.54
CA ASN C 53 -16.88 -39.28 -11.62
C ASN C 53 -16.73 -37.76 -11.95
N VAL C 54 -17.47 -37.26 -12.95
CA VAL C 54 -17.39 -35.88 -13.42
C VAL C 54 -18.60 -35.06 -13.04
N ASP C 55 -18.38 -33.78 -12.73
CA ASP C 55 -19.39 -32.75 -12.41
C ASP C 55 -19.05 -31.49 -13.20
N GLU C 56 -20.06 -30.71 -13.58
CA GLU C 56 -19.83 -29.51 -14.38
C GLU C 56 -20.56 -28.29 -13.82
N PHE C 57 -20.02 -27.09 -14.09
CA PHE C 57 -20.57 -25.83 -13.62
C PHE C 57 -20.44 -24.73 -14.68
N THR C 58 -21.40 -23.82 -14.74
CA THR C 58 -21.38 -22.72 -15.71
C THR C 58 -22.00 -21.48 -15.13
N SER C 59 -21.45 -20.34 -15.46
CA SER C 59 -21.95 -19.07 -15.00
C SER C 59 -21.49 -17.99 -15.95
N ASP C 60 -22.24 -17.81 -17.06
CA ASP C 60 -21.95 -16.83 -18.10
C ASP C 60 -20.57 -17.19 -18.76
N ASN C 61 -19.48 -16.44 -18.48
CA ASN C 61 -18.18 -16.64 -19.07
C ASN C 61 -17.41 -17.83 -18.52
N ILE C 62 -17.67 -18.19 -17.24
CA ILE C 62 -16.89 -19.23 -16.55
C ILE C 62 -17.56 -20.62 -16.45
N LYS C 63 -16.84 -21.66 -16.95
CA LYS C 63 -17.25 -23.06 -16.87
C LYS C 63 -16.16 -23.86 -16.13
N PHE C 64 -16.56 -24.75 -15.21
CA PHE C 64 -15.66 -25.61 -14.43
C PHE C 64 -16.00 -27.04 -14.64
N VAL C 65 -15.00 -27.92 -14.60
CA VAL C 65 -15.25 -29.35 -14.69
C VAL C 65 -14.44 -30.09 -13.61
N CYS C 66 -15.12 -30.58 -12.56
CA CYS C 66 -14.49 -31.30 -11.46
C CYS C 66 -14.52 -32.82 -11.74
N TRP C 67 -13.34 -33.43 -11.85
CA TRP C 67 -13.24 -34.85 -12.12
C TRP C 67 -12.53 -35.58 -11.01
N ASP C 68 -13.26 -36.40 -10.25
CA ASP C 68 -12.63 -37.20 -9.22
C ASP C 68 -11.97 -38.37 -9.97
N ILE C 69 -10.64 -38.33 -10.12
CA ILE C 69 -9.92 -39.46 -10.72
C ILE C 69 -9.85 -40.48 -9.56
N GLY C 70 -10.01 -41.76 -9.85
CA GLY C 70 -10.03 -42.76 -8.79
C GLY C 70 -9.27 -43.99 -9.15
N GLY C 71 -9.65 -45.07 -8.49
CA GLY C 71 -9.12 -46.41 -8.74
C GLY C 71 -10.04 -47.13 -9.70
N GLN C 72 -11.37 -46.81 -9.64
CA GLN C 72 -12.42 -47.33 -10.51
C GLN C 72 -12.46 -46.41 -11.72
N GLN C 73 -11.33 -46.33 -12.45
CA GLN C 73 -11.23 -45.43 -13.59
C GLN C 73 -10.89 -46.14 -14.90
N VAL C 74 -11.34 -45.52 -16.00
CA VAL C 74 -11.11 -45.94 -17.37
C VAL C 74 -10.07 -44.98 -17.92
N PHE C 75 -8.91 -45.50 -18.35
CA PHE C 75 -7.83 -44.65 -18.83
C PHE C 75 -7.99 -44.13 -20.26
N ARG C 76 -9.24 -44.02 -20.78
CA ARG C 76 -9.46 -43.58 -22.15
C ARG C 76 -9.28 -42.11 -22.44
N ASP C 77 -8.48 -41.84 -23.49
CA ASP C 77 -8.21 -40.49 -24.03
C ASP C 77 -9.46 -39.85 -24.68
N SER C 78 -10.50 -40.65 -24.92
CA SER C 78 -11.77 -40.19 -25.46
C SER C 78 -12.54 -39.47 -24.35
N LEU C 79 -12.55 -40.00 -23.11
CA LEU C 79 -13.17 -39.33 -21.95
C LEU C 79 -12.54 -37.94 -21.69
N TRP C 80 -11.25 -37.80 -22.03
CA TRP C 80 -10.51 -36.57 -21.91
C TRP C 80 -11.09 -35.59 -22.91
N ASP C 81 -11.19 -35.99 -24.20
CA ASP C 81 -11.73 -35.16 -25.27
C ASP C 81 -13.18 -34.74 -24.95
N ALA C 82 -13.95 -35.68 -24.42
CA ALA C 82 -15.33 -35.51 -24.04
C ALA C 82 -15.51 -34.54 -22.88
N TYR C 83 -14.62 -34.58 -21.89
CA TYR C 83 -14.81 -33.77 -20.69
C TYR C 83 -13.82 -32.62 -20.49
N ILE C 84 -12.50 -32.87 -20.51
CA ILE C 84 -11.53 -31.84 -20.20
C ILE C 84 -11.03 -31.04 -21.41
N ALA C 85 -11.01 -31.60 -22.62
CA ALA C 85 -10.49 -30.85 -23.79
C ALA C 85 -11.18 -29.49 -24.00
N GLY C 86 -10.36 -28.47 -24.18
CA GLY C 86 -10.86 -27.10 -24.28
C GLY C 86 -10.56 -26.26 -23.04
N SER C 87 -10.02 -26.91 -21.99
CA SER C 87 -9.63 -26.25 -20.75
C SER C 87 -8.46 -25.32 -20.99
N SER C 88 -8.41 -24.25 -20.23
CA SER C 88 -7.34 -23.25 -20.36
C SER C 88 -6.30 -23.33 -19.19
N GLY C 89 -6.64 -24.07 -18.14
CA GLY C 89 -5.82 -24.33 -16.96
C GLY C 89 -6.29 -25.61 -16.27
N ILE C 90 -5.36 -26.34 -15.63
CA ILE C 90 -5.73 -27.58 -14.93
C ILE C 90 -5.34 -27.48 -13.48
N ILE C 91 -6.26 -27.75 -12.56
CA ILE C 91 -5.96 -27.68 -11.12
C ILE C 91 -5.90 -29.08 -10.50
N TYR C 92 -4.70 -29.55 -10.18
CA TYR C 92 -4.54 -30.85 -9.57
C TYR C 92 -4.61 -30.70 -8.05
N VAL C 93 -5.58 -31.35 -7.38
CA VAL C 93 -5.69 -31.20 -5.94
C VAL C 93 -5.24 -32.47 -5.18
N VAL C 94 -4.36 -32.27 -4.19
CA VAL C 94 -3.78 -33.34 -3.39
C VAL C 94 -4.14 -33.15 -1.89
N ASP C 95 -4.53 -34.23 -1.18
CA ASP C 95 -4.83 -34.16 0.25
C ASP C 95 -3.51 -34.43 0.90
N SER C 96 -2.93 -33.39 1.49
CA SER C 96 -1.63 -33.44 2.11
C SER C 96 -1.62 -34.46 3.25
N ALA C 97 -2.71 -34.48 4.06
CA ALA C 97 -2.85 -35.36 5.21
C ALA C 97 -3.13 -36.85 4.85
N ALA C 98 -3.13 -37.19 3.55
CA ALA C 98 -3.37 -38.56 3.09
C ALA C 98 -2.14 -39.08 2.32
N PRO C 99 -1.04 -39.37 3.05
CA PRO C 99 0.18 -39.86 2.38
C PRO C 99 0.09 -41.29 1.88
N GLU C 100 -0.89 -42.07 2.37
CA GLU C 100 -1.06 -43.44 1.91
C GLU C 100 -1.36 -43.49 0.41
N ARG C 101 -2.18 -42.52 -0.07
CA ARG C 101 -2.58 -42.42 -1.46
C ARG C 101 -1.65 -41.57 -2.32
N PHE C 102 -0.46 -41.20 -1.82
CA PHE C 102 0.47 -40.39 -2.60
C PHE C 102 0.89 -41.05 -3.90
N GLU C 103 1.27 -42.34 -3.87
CA GLU C 103 1.68 -43.02 -5.11
C GLU C 103 0.54 -43.04 -6.13
N GLU C 104 -0.71 -43.20 -5.66
CA GLU C 104 -1.87 -43.18 -6.54
C GLU C 104 -2.00 -41.80 -7.21
N ALA C 105 -1.85 -40.72 -6.43
CA ALA C 105 -1.92 -39.38 -6.98
C ALA C 105 -0.76 -39.14 -7.95
N ARG C 106 0.43 -39.66 -7.63
CA ARG C 106 1.60 -39.54 -8.50
C ARG C 106 1.33 -40.21 -9.83
N THR C 107 0.67 -41.38 -9.81
CA THR C 107 0.35 -42.13 -11.03
C THR C 107 -0.68 -41.39 -11.88
N GLU C 108 -1.80 -40.97 -11.26
CA GLU C 108 -2.89 -40.25 -11.89
C GLU C 108 -2.41 -38.94 -12.51
N LEU C 109 -1.56 -38.18 -11.81
CA LEU C 109 -1.05 -36.91 -12.33
C LEU C 109 -0.26 -37.12 -13.63
N TRP C 110 0.62 -38.11 -13.65
CA TRP C 110 1.45 -38.36 -14.83
C TRP C 110 0.70 -39.08 -15.94
N LYS C 111 -0.27 -39.95 -15.64
CA LYS C 111 -1.02 -40.66 -16.69
C LYS C 111 -1.97 -39.73 -17.46
N TRP C 112 -2.65 -38.81 -16.73
CA TRP C 112 -3.65 -37.87 -17.21
C TRP C 112 -3.14 -36.50 -17.61
N VAL C 113 -2.08 -36.00 -16.97
CA VAL C 113 -1.61 -34.65 -17.22
C VAL C 113 -0.21 -34.58 -17.80
N ILE C 114 0.82 -35.13 -17.10
CA ILE C 114 2.22 -35.01 -17.52
C ILE C 114 2.52 -35.76 -18.82
N GLU C 115 2.17 -37.05 -18.88
CA GLU C 115 2.35 -37.85 -20.08
C GLU C 115 1.05 -37.83 -20.90
N ASN C 116 0.51 -36.63 -21.09
CA ASN C 116 -0.67 -36.43 -21.90
C ASN C 116 -0.27 -35.48 -22.99
N SER C 117 -0.25 -35.96 -24.23
CA SER C 117 0.12 -35.17 -25.40
C SER C 117 -0.78 -33.93 -25.54
N LYS C 118 -2.07 -34.09 -25.21
CA LYS C 118 -3.09 -33.06 -25.29
C LYS C 118 -2.80 -31.86 -24.35
N VAL C 119 -2.46 -32.09 -23.08
CA VAL C 119 -2.09 -31.00 -22.16
C VAL C 119 -0.74 -30.47 -22.62
N GLY C 120 -0.67 -29.22 -23.00
CA GLY C 120 0.59 -28.66 -23.46
C GLY C 120 0.51 -27.19 -23.25
N ASP C 121 1.53 -26.60 -22.59
CA ASP C 121 1.60 -25.17 -22.23
C ASP C 121 0.49 -24.73 -21.25
N ILE C 122 -0.56 -25.56 -21.03
CA ILE C 122 -1.67 -25.28 -20.14
C ILE C 122 -1.14 -25.14 -18.75
N PRO C 123 -1.37 -24.01 -18.08
CA PRO C 123 -0.86 -23.87 -16.72
C PRO C 123 -1.50 -24.91 -15.80
N ILE C 124 -0.67 -25.71 -15.14
CA ILE C 124 -1.15 -26.70 -14.20
C ILE C 124 -0.84 -26.23 -12.78
N LEU C 125 -1.85 -25.92 -11.99
CA LEU C 125 -1.65 -25.49 -10.61
C LEU C 125 -1.93 -26.68 -9.68
N ILE C 126 -0.98 -27.02 -8.80
CA ILE C 126 -1.14 -28.12 -7.85
C ILE C 126 -1.49 -27.49 -6.51
N LEU C 127 -2.56 -27.97 -5.88
CA LEU C 127 -2.94 -27.45 -4.57
C LEU C 127 -2.69 -28.51 -3.52
N ALA C 128 -1.67 -28.28 -2.67
CA ALA C 128 -1.34 -29.16 -1.56
C ALA C 128 -2.33 -28.79 -0.47
N ASN C 129 -3.56 -29.30 -0.62
CA ASN C 129 -4.71 -28.98 0.23
C ASN C 129 -4.71 -29.64 1.63
N LYS C 130 -5.59 -29.14 2.53
CA LYS C 130 -5.77 -29.62 3.89
C LYS C 130 -4.51 -29.40 4.73
N GLN C 131 -3.87 -28.23 4.57
CA GLN C 131 -2.66 -27.92 5.35
C GLN C 131 -2.95 -27.72 6.85
N ASP C 132 -4.22 -27.39 7.19
CA ASP C 132 -4.68 -27.16 8.56
C ASP C 132 -4.66 -28.43 9.43
N LEU C 133 -4.74 -29.62 8.80
CA LEU C 133 -4.67 -30.88 9.53
C LEU C 133 -3.26 -31.08 10.06
N PRO C 134 -3.12 -31.51 11.34
CA PRO C 134 -1.79 -31.64 11.94
C PRO C 134 -0.84 -32.67 11.32
N GLU C 135 -1.33 -33.82 10.85
CA GLU C 135 -0.45 -34.83 10.23
C GLU C 135 -0.19 -34.57 8.70
N ALA C 136 -0.61 -33.36 8.21
CA ALA C 136 -0.49 -32.89 6.84
C ALA C 136 0.94 -32.60 6.47
N ARG C 137 1.40 -33.23 5.38
CA ARG C 137 2.75 -33.09 4.85
C ARG C 137 2.97 -31.74 4.19
N SER C 138 4.21 -31.27 4.21
CA SER C 138 4.56 -29.98 3.62
C SER C 138 4.32 -29.95 2.12
N ALA C 139 4.25 -28.75 1.53
CA ALA C 139 4.10 -28.61 0.08
C ALA C 139 5.29 -29.24 -0.66
N GLY C 140 6.48 -29.17 -0.06
CA GLY C 140 7.71 -29.74 -0.58
C GLY C 140 7.72 -31.25 -0.49
N GLU C 141 7.10 -31.80 0.57
CA GLU C 141 7.00 -33.24 0.76
C GLU C 141 6.15 -33.81 -0.37
N VAL C 142 4.98 -33.17 -0.62
CA VAL C 142 4.03 -33.52 -1.67
C VAL C 142 4.69 -33.37 -3.05
N ALA C 143 5.48 -32.30 -3.27
CA ALA C 143 6.17 -32.07 -4.54
C ALA C 143 7.14 -33.18 -4.89
N ARG C 144 7.83 -33.73 -3.88
CA ARG C 144 8.75 -34.84 -4.08
C ARG C 144 7.98 -36.14 -4.26
N ALA C 145 6.87 -36.32 -3.51
CA ALA C 145 6.01 -37.49 -3.62
C ALA C 145 5.44 -37.61 -5.02
N LEU C 146 5.07 -36.47 -5.64
CA LEU C 146 4.50 -36.41 -6.99
C LEU C 146 5.55 -36.40 -8.10
N ASP C 147 6.85 -36.50 -7.77
CA ASP C 147 7.97 -36.44 -8.69
C ASP C 147 7.95 -35.17 -9.53
N LEU C 148 7.48 -34.05 -8.93
CA LEU C 148 7.42 -32.76 -9.63
C LEU C 148 8.80 -32.31 -10.10
N HIS C 149 9.84 -32.63 -9.30
CA HIS C 149 11.25 -32.38 -9.63
C HIS C 149 11.70 -33.03 -10.96
N LYS C 150 10.91 -34.01 -11.47
CA LYS C 150 11.18 -34.69 -12.74
C LYS C 150 10.49 -33.97 -13.93
N VAL C 151 9.38 -33.22 -13.65
CA VAL C 151 8.63 -32.48 -14.67
C VAL C 151 9.46 -31.35 -15.28
N SER C 155 4.40 -26.14 -17.59
CA SER C 155 4.37 -24.96 -16.72
C SER C 155 3.50 -25.20 -15.50
N TYR C 156 4.12 -25.61 -14.39
CA TYR C 156 3.39 -25.91 -13.17
C TYR C 156 3.80 -25.01 -11.99
N ALA C 157 3.08 -25.16 -10.88
CA ALA C 157 3.31 -24.46 -9.64
C ALA C 157 2.61 -25.26 -8.54
N ILE C 158 3.30 -25.54 -7.42
CA ILE C 158 2.68 -26.24 -6.30
C ILE C 158 2.60 -25.29 -5.12
N VAL C 159 1.40 -25.07 -4.60
CA VAL C 159 1.21 -24.14 -3.50
C VAL C 159 0.42 -24.81 -2.38
N PRO C 160 0.90 -24.76 -1.12
CA PRO C 160 0.12 -25.35 -0.03
C PRO C 160 -1.10 -24.49 0.30
N CYS C 161 -2.21 -25.13 0.63
CA CYS C 161 -3.43 -24.40 0.94
C CYS C 161 -4.34 -25.18 1.90
N SER C 162 -5.37 -24.50 2.42
CA SER C 162 -6.36 -25.14 3.26
C SER C 162 -7.71 -24.66 2.78
N ALA C 163 -8.65 -25.59 2.49
CA ALA C 163 -9.98 -25.16 2.06
C ALA C 163 -10.77 -24.62 3.23
N ALA C 164 -10.57 -25.22 4.43
CA ALA C 164 -11.26 -24.87 5.67
C ALA C 164 -10.88 -23.47 6.15
N SER C 165 -9.57 -23.17 6.20
CA SER C 165 -9.12 -21.86 6.65
C SER C 165 -9.02 -20.81 5.55
N GLY C 166 -8.94 -21.24 4.30
CA GLY C 166 -8.81 -20.32 3.18
C GLY C 166 -7.37 -20.05 2.78
N PHE C 167 -6.43 -20.33 3.71
CA PHE C 167 -4.97 -20.14 3.58
C PHE C 167 -4.41 -20.41 2.19
N ASN C 168 -3.78 -19.37 1.59
CA ASN C 168 -3.12 -19.40 0.28
C ASN C 168 -3.94 -19.73 -0.93
N LEU C 169 -5.19 -20.16 -0.79
CA LEU C 169 -6.02 -20.57 -1.93
C LEU C 169 -6.11 -19.50 -3.01
N GLU C 170 -6.56 -18.32 -2.61
CA GLU C 170 -6.74 -17.19 -3.49
C GLU C 170 -5.45 -16.75 -4.18
N ASP C 171 -4.39 -16.69 -3.39
CA ASP C 171 -3.06 -16.30 -3.83
C ASP C 171 -2.52 -17.28 -4.87
N ALA C 172 -2.78 -18.58 -4.68
CA ALA C 172 -2.32 -19.61 -5.63
C ALA C 172 -3.17 -19.58 -6.90
N LEU C 173 -4.48 -19.33 -6.74
CA LEU C 173 -5.36 -19.25 -7.88
C LEU C 173 -5.06 -18.02 -8.72
N GLU C 174 -4.55 -16.90 -8.11
CA GLU C 174 -4.16 -15.70 -8.86
C GLU C 174 -3.01 -16.00 -9.82
N TRP C 175 -2.12 -16.95 -9.47
CA TRP C 175 -1.04 -17.36 -10.36
C TRP C 175 -1.65 -17.96 -11.61
N LEU C 176 -2.68 -18.81 -11.44
CA LEU C 176 -3.34 -19.46 -12.54
C LEU C 176 -4.13 -18.44 -13.33
N ARG C 177 -4.87 -17.55 -12.65
CA ARG C 177 -5.68 -16.53 -13.31
C ARG C 177 -4.84 -15.65 -14.22
N GLN C 178 -3.60 -15.36 -13.82
CA GLN C 178 -2.70 -14.57 -14.64
C GLN C 178 -2.16 -15.35 -15.81
N ARG C 179 -1.87 -16.63 -15.60
CA ARG C 179 -1.37 -17.56 -16.63
C ARG C 179 -2.42 -17.88 -17.69
N ILE C 180 -3.71 -17.89 -17.30
CA ILE C 180 -4.82 -18.15 -18.20
C ILE C 180 -5.09 -16.89 -18.99
N THR C 181 -5.16 -15.74 -18.32
CA THR C 181 -5.40 -14.44 -18.94
C THR C 181 -4.43 -14.14 -20.10
N GLU C 182 -3.14 -14.43 -19.95
CA GLU C 182 -2.18 -14.14 -20.99
C GLU C 182 -2.28 -15.09 -22.21
N MET C 183 -2.48 -16.39 -21.97
CA MET C 183 -2.55 -17.39 -23.02
C MET C 183 -3.91 -17.52 -23.70
N ILE C 184 -4.99 -16.98 -23.09
CA ILE C 184 -6.32 -17.09 -23.68
C ILE C 184 -6.39 -16.33 -25.00
N LEU C 185 -7.02 -16.96 -25.99
CA LEU C 185 -7.14 -16.44 -27.36
C LEU C 185 -5.83 -16.58 -28.13
N GLU C 186 -4.87 -17.42 -27.68
CA GLU C 186 -3.59 -17.53 -28.36
C GLU C 186 -3.14 -18.96 -28.67
N HIS C 187 -3.56 -19.95 -27.86
CA HIS C 187 -3.14 -21.35 -28.09
C HIS C 187 -3.87 -22.02 -29.28
PB GDP D . 4.81 5.46 2.38
O1B GDP D . 5.92 4.93 3.26
O2B GDP D . 4.39 4.53 1.28
O3B GDP D . 3.65 6.02 3.15
O3A GDP D . 5.47 6.77 1.69
PA GDP D . 6.38 6.70 0.37
O1A GDP D . 6.97 5.34 0.21
O2A GDP D . 5.62 7.34 -0.77
O5' GDP D . 7.65 7.63 0.74
C5' GDP D . 7.58 8.60 1.77
C4' GDP D . 8.18 9.88 1.26
O4' GDP D . 9.45 10.10 1.87
C3' GDP D . 8.40 9.86 -0.25
O3' GDP D . 7.71 10.94 -0.86
C2' GDP D . 9.89 9.98 -0.47
O2' GDP D . 10.18 11.09 -1.32
C1' GDP D . 10.49 10.21 0.90
N9 GDP D . 11.53 9.20 1.18
C8 GDP D . 11.38 7.87 1.28
N7 GDP D . 12.56 7.26 1.55
C5 GDP D . 13.50 8.23 1.61
C6 GDP D . 14.96 8.30 1.87
O6 GDP D . 15.62 7.28 2.08
N1 GDP D . 15.54 9.50 1.86
C2 GDP D . 14.85 10.63 1.63
N2 GDP D . 15.51 11.81 1.62
N3 GDP D . 13.52 10.64 1.39
C4 GDP D . 12.81 9.50 1.37
MG MG E . 2.24 4.49 0.44
PB GDP F . 4.82 34.10 15.46
O1B GDP F . 4.25 33.87 16.83
O2B GDP F . 4.40 35.40 14.82
O3B GDP F . 4.72 32.94 14.53
O3A GDP F . 6.40 34.20 15.74
PA GDP F . 7.32 35.40 15.20
O1A GDP F . 7.16 36.58 16.11
O2A GDP F . 7.17 35.52 13.71
O5' GDP F . 8.79 34.80 15.44
C5' GDP F . 9.00 33.40 15.50
C4' GDP F . 10.42 33.21 15.97
O4' GDP F . 11.08 32.24 15.17
C3' GDP F . 11.19 34.52 15.85
O3' GDP F . 11.87 34.79 17.07
C2' GDP F . 12.18 34.32 14.72
O2' GDP F . 13.49 34.73 15.12
C1' GDP F . 12.17 32.82 14.46
N9 GDP F . 12.03 32.53 13.01
C8 GDP F . 10.99 32.83 12.21
N7 GDP F . 11.23 32.40 10.95
C5 GDP F . 12.44 31.81 10.94
C6 GDP F . 13.30 31.13 9.95
O6 GDP F . 12.94 30.99 8.77
N1 GDP F . 14.47 30.65 10.36
C2 GDP F . 14.89 30.76 11.63
N2 GDP F . 16.10 30.26 11.97
N3 GDP F . 14.16 31.37 12.60
C4 GDP F . 12.95 31.90 12.31
MG MG G . 2.59 36.76 15.62
PB GDP H . -13.46 -34.75 -3.46
O1B GDP H . -13.52 -36.25 -3.58
O2B GDP H . -14.15 -34.03 -4.59
O3B GDP H . -12.09 -34.23 -3.14
O3A GDP H . -14.34 -34.49 -2.13
PA GDP H . -14.97 -33.07 -1.74
O1A GDP H . -16.45 -33.10 -2.04
O2A GDP H . -14.09 -31.96 -2.25
O5' GDP H . -14.78 -33.09 -0.14
C5' GDP H . -13.45 -33.19 0.31
C4' GDP H . -13.45 -33.59 1.77
O4' GDP H . -12.13 -33.40 2.30
C3' GDP H . -14.41 -32.74 2.57
O3' GDP H . -15.54 -33.52 2.99
C2' GDP H . -13.63 -32.27 3.77
O2' GDP H . -14.06 -32.96 4.95
C1' GDP H . -12.18 -32.61 3.47
N9 GDP H . -11.44 -31.34 3.27
C8 GDP H . -11.17 -30.72 2.11
N7 GDP H . -10.49 -29.57 2.31
C5 GDP H . -10.31 -29.45 3.63
C6 GDP H . -9.66 -28.47 4.53
O6 GDP H . -9.10 -27.46 4.09
N1 GDP H . -9.69 -28.71 5.85
C2 GDP H . -10.28 -29.79 6.37
N2 GDP H . -10.27 -29.95 7.72
N3 GDP H . -10.90 -30.73 5.61
C4 GDP H . -10.93 -30.60 4.27
MG MG I . -16.41 -34.53 -5.37
#